data_4HCP
#
_entry.id   4HCP
#
_cell.length_a   127.389
_cell.length_b   44.973
_cell.length_c   67.303
_cell.angle_alpha   90.00
_cell.angle_beta   110.83
_cell.angle_gamma   90.00
#
_symmetry.space_group_name_H-M   'C 1 2 1'
#
loop_
_entity.id
_entity.type
_entity.pdbx_description
1 polymer 'Putative ATP/GTP binding protein'
2 polymer NEDD8
3 non-polymer 'SULFATE ION'
4 non-polymer GLYCEROL
5 water water
#
loop_
_entity_poly.entity_id
_entity_poly.type
_entity_poly.pdbx_seq_one_letter_code
_entity_poly.pdbx_strand_id
1 'polypeptide(L)'
;SGRPLKHRVTLRKATLASLMQSLSGESSNRVMWNDRYDTLLIARDPREIKNAIEKSVTDFGGLENYKELTGGADPFALMT
PVAGLSANNIFKLMTEKDVPIDPTSIEYLENTSFAEHVNTLDSHKNYVVIVNDGRLGHKFLIDLPALTQGPRTAYIIQSD
LGGGALPAVRVEDWISRRGSDPVSLDELNQLLSKDFSKMPDDVQTRLLASILQIDKDPHKVDIKKLHLDGKLRFASHEYD
FRQFQRNAQYVAGLG
;
A
2 'polypeptide(L)' AAMLIKVKTLTGKEIEIDIEPTDKVERIKERVEEKEGIPPQQQRLIYSGKQMNDEKTAADYKILGGSVLHLVLALRGG B
#
loop_
_chem_comp.id
_chem_comp.type
_chem_comp.name
_chem_comp.formula
GOL non-polymer GLYCEROL 'C3 H8 O3'
SO4 non-polymer 'SULFATE ION' 'O4 S -2'
#
# COMPACT_ATOMS: atom_id res chain seq x y z
N LYS A 6 -26.68 -11.80 6.56
CA LYS A 6 -26.39 -10.34 6.41
C LYS A 6 -26.34 -9.63 7.77
N HIS A 7 -25.83 -10.35 8.78
CA HIS A 7 -25.38 -9.73 10.03
C HIS A 7 -23.85 -9.95 10.19
N ARG A 8 -23.28 -10.70 9.25
CA ARG A 8 -21.82 -10.72 9.07
C ARG A 8 -21.29 -9.42 8.47
N VAL A 9 -22.08 -8.79 7.61
CA VAL A 9 -21.73 -7.44 7.12
C VAL A 9 -21.52 -6.43 8.27
N THR A 10 -22.29 -6.59 9.36
CA THR A 10 -22.20 -5.71 10.54
C THR A 10 -20.98 -6.09 11.42
N LEU A 11 -20.72 -7.38 11.53
CA LEU A 11 -19.50 -7.88 12.14
C LEU A 11 -18.28 -7.29 11.43
N ARG A 12 -18.25 -7.46 10.11
CA ARG A 12 -17.15 -6.97 9.28
C ARG A 12 -16.97 -5.45 9.43
N LYS A 13 -18.07 -4.71 9.43
CA LYS A 13 -18.02 -3.26 9.65
C LYS A 13 -17.47 -2.90 11.05
N ALA A 14 -18.04 -3.51 12.08
CA ALA A 14 -17.55 -3.38 13.46
C ALA A 14 -16.05 -3.69 13.62
N THR A 15 -15.56 -4.73 12.93
CA THR A 15 -14.15 -5.11 13.00
C THR A 15 -13.26 -4.03 12.41
N LEU A 16 -13.58 -3.60 11.20
CA LEU A 16 -12.86 -2.50 10.54
C LEU A 16 -12.95 -1.21 11.35
N ALA A 17 -14.13 -0.90 11.85
CA ALA A 17 -14.34 0.33 12.61
C ALA A 17 -13.47 0.30 13.82
N SER A 18 -13.62 -0.78 14.59
CA SER A 18 -12.80 -1.03 15.74
C SER A 18 -11.30 -1.00 15.42
N LEU A 19 -10.92 -1.57 14.28
CA LEU A 19 -9.52 -1.53 13.87
C LEU A 19 -9.01 -0.10 13.59
N MET A 20 -9.70 0.60 12.69
CA MET A 20 -9.34 1.98 12.33
C MET A 20 -9.23 2.94 13.56
N GLN A 21 -10.14 2.78 14.53
CA GLN A 21 -10.20 3.66 15.70
C GLN A 21 -9.04 3.40 16.63
N SER A 22 -8.67 2.14 16.78
CA SER A 22 -7.54 1.76 17.58
C SER A 22 -6.22 2.36 17.11
N LEU A 23 -6.15 2.74 15.83
CA LEU A 23 -4.90 3.24 15.25
C LEU A 23 -4.46 4.60 15.84
N SER A 24 -5.33 5.18 16.68
CA SER A 24 -4.98 6.39 17.40
C SER A 24 -4.00 6.09 18.52
N GLY A 25 -3.94 4.81 18.89
CA GLY A 25 -2.95 4.32 19.84
C GLY A 25 -1.57 4.16 19.21
N GLU A 26 -0.56 4.62 19.93
CA GLU A 26 0.83 4.56 19.48
C GLU A 26 1.19 3.15 19.04
N SER A 27 0.87 2.17 19.90
CA SER A 27 1.30 0.79 19.68
C SER A 27 0.54 0.12 18.52
N SER A 28 -0.77 0.34 18.47
CA SER A 28 -1.59 -0.15 17.37
C SER A 28 -1.13 0.46 16.06
N ASN A 29 -0.83 1.76 16.09
CA ASN A 29 -0.44 2.46 14.88
C ASN A 29 0.83 1.85 14.26
N ARG A 30 1.80 1.54 15.11
CA ARG A 30 3.09 1.04 14.65
C ARG A 30 3.04 -0.45 14.26
N VAL A 31 2.15 -1.18 14.89
CA VAL A 31 1.99 -2.60 14.61
C VAL A 31 1.21 -2.84 13.31
N MET A 32 0.19 -2.03 13.07
CA MET A 32 -0.58 -2.12 11.84
C MET A 32 0.29 -1.88 10.61
N TRP A 33 1.07 -0.80 10.62
CA TRP A 33 1.70 -0.33 9.41
C TRP A 33 3.20 -0.59 9.34
N ASN A 34 3.73 -1.34 10.30
CA ASN A 34 5.11 -1.81 10.19
C ASN A 34 5.38 -2.47 8.85
N ASP A 35 6.66 -2.54 8.46
CA ASP A 35 7.02 -3.06 7.16
C ASP A 35 7.95 -4.27 7.21
N ARG A 36 8.01 -4.94 8.35
CA ARG A 36 8.53 -6.31 8.33
C ARG A 36 7.42 -7.26 7.84
N TYR A 37 7.63 -7.87 6.67
CA TYR A 37 6.58 -8.70 6.03
C TYR A 37 6.81 -10.21 6.08
N ASP A 38 8.04 -10.63 6.39
CA ASP A 38 8.37 -12.05 6.37
C ASP A 38 8.06 -12.70 7.72
N THR A 39 7.42 -11.91 8.57
CA THR A 39 7.03 -12.33 9.89
C THR A 39 5.51 -12.07 10.05
N LEU A 40 4.91 -12.76 11.01
CA LEU A 40 3.49 -12.58 11.31
C LEU A 40 3.21 -11.17 11.80
N LEU A 41 2.20 -10.54 11.22
CA LEU A 41 1.61 -9.33 11.78
C LEU A 41 1.53 -9.43 13.31
N ILE A 42 0.91 -10.49 13.82
CA ILE A 42 0.65 -10.59 15.27
C ILE A 42 1.90 -10.91 16.08
N ALA A 43 2.98 -11.21 15.38
CA ALA A 43 4.30 -11.33 16.01
C ALA A 43 5.01 -9.97 16.22
N ARG A 44 4.46 -8.91 15.61
CA ARG A 44 4.97 -7.56 15.80
C ARG A 44 4.89 -7.08 17.25
N ASP A 45 6.00 -6.52 17.71
CA ASP A 45 6.20 -6.16 19.10
C ASP A 45 6.37 -4.63 19.14
N PRO A 46 5.35 -3.92 19.67
CA PRO A 46 5.31 -2.46 19.67
C PRO A 46 6.63 -1.85 20.12
N ARG A 47 7.35 -2.56 20.98
CA ARG A 47 8.48 -1.98 21.65
C ARG A 47 9.82 -2.27 20.97
N GLU A 48 9.97 -3.44 20.35
CA GLU A 48 11.07 -3.65 19.42
C GLU A 48 11.03 -2.59 18.30
N ILE A 49 9.82 -2.30 17.85
CA ILE A 49 9.61 -1.45 16.69
C ILE A 49 10.07 -0.08 17.01
N LYS A 50 9.72 0.38 18.21
CA LYS A 50 10.11 1.72 18.68
C LYS A 50 11.60 1.83 18.93
N ASN A 51 12.20 0.80 19.52
CA ASN A 51 13.67 0.71 19.64
C ASN A 51 14.42 0.83 18.31
N ALA A 52 13.90 0.17 17.27
CA ALA A 52 14.46 0.27 15.90
C ALA A 52 14.24 1.65 15.28
N ILE A 53 13.10 2.28 15.56
CA ILE A 53 12.93 3.69 15.22
C ILE A 53 13.94 4.58 15.96
N GLU A 54 14.05 4.39 17.28
CA GLU A 54 14.97 5.16 18.12
C GLU A 54 16.43 4.99 17.72
N LYS A 55 16.76 3.83 17.17
CA LYS A 55 18.10 3.56 16.70
C LYS A 55 18.41 4.35 15.45
N SER A 56 17.44 4.43 14.53
CA SER A 56 17.67 5.13 13.29
C SER A 56 17.61 6.66 13.45
N VAL A 57 16.99 7.13 14.53
CA VAL A 57 16.98 8.56 14.84
C VAL A 57 18.29 8.99 15.54
N THR A 58 18.91 8.07 16.25
CA THR A 58 20.25 8.24 16.77
C THR A 58 21.29 8.22 15.64
N ASP A 59 21.22 7.18 14.80
CA ASP A 59 22.11 7.05 13.65
C ASP A 59 22.18 8.33 12.81
N PHE A 60 21.09 9.09 12.81
CA PHE A 60 20.99 10.24 11.91
C PHE A 60 20.94 11.56 12.63
N GLY A 61 21.51 11.59 13.84
CA GLY A 61 21.83 12.84 14.52
C GLY A 61 20.70 13.48 15.30
N GLY A 62 19.81 12.66 15.86
CA GLY A 62 18.67 13.17 16.62
C GLY A 62 17.44 13.40 15.74
N LEU A 63 16.30 13.65 16.39
CA LEU A 63 15.03 13.75 15.69
C LEU A 63 14.96 14.93 14.75
N GLU A 64 15.46 16.08 15.22
CA GLU A 64 15.40 17.30 14.41
C GLU A 64 16.15 17.09 13.09
N ASN A 65 17.31 16.44 13.15
CA ASN A 65 18.07 16.18 11.93
C ASN A 65 17.46 15.11 11.05
N TYR A 66 17.05 14.02 11.67
CA TYR A 66 16.38 12.97 10.94
C TYR A 66 15.16 13.52 10.18
N LYS A 67 14.46 14.47 10.80
CA LYS A 67 13.32 15.11 10.19
C LYS A 67 13.70 15.85 8.89
N GLU A 68 14.82 16.55 8.91
CA GLU A 68 15.27 17.25 7.71
C GLU A 68 15.61 16.23 6.62
N LEU A 69 16.39 15.21 6.97
CA LEU A 69 16.67 14.12 6.04
C LEU A 69 15.39 13.51 5.41
N THR A 70 14.36 13.31 6.20
CA THR A 70 13.11 12.74 5.67
C THR A 70 12.19 13.78 5.00
N GLY A 71 12.65 15.02 4.95
CA GLY A 71 11.81 16.11 4.45
C GLY A 71 10.59 16.38 5.32
N GLY A 72 10.72 16.17 6.63
CA GLY A 72 9.68 16.55 7.60
C GLY A 72 9.02 15.39 8.34
N ALA A 73 9.26 14.16 7.89
CA ALA A 73 8.55 13.01 8.44
C ALA A 73 9.09 12.58 9.81
N ASP A 74 8.27 12.73 10.86
CA ASP A 74 8.61 12.18 12.19
C ASP A 74 8.22 10.71 12.26
N PRO A 75 9.22 9.80 12.44
CA PRO A 75 8.97 8.36 12.51
C PRO A 75 8.19 7.89 13.76
N PHE A 76 8.10 8.75 14.79
CA PHE A 76 7.40 8.38 16.04
C PHE A 76 5.93 8.71 15.93
N ALA A 77 5.60 9.63 15.02
CA ALA A 77 4.25 10.12 14.84
C ALA A 77 3.25 9.01 14.48
N LEU A 78 1.98 9.28 14.75
CA LEU A 78 0.90 8.38 14.31
C LEU A 78 0.68 8.61 12.85
N MET A 79 0.87 7.58 12.05
CA MET A 79 0.82 7.73 10.61
C MET A 79 -0.46 7.10 10.04
N THR A 80 -0.76 7.47 8.81
CA THR A 80 -1.65 6.71 7.96
C THR A 80 -0.89 6.40 6.62
N PRO A 81 -1.03 5.17 6.10
CA PRO A 81 -0.16 4.69 5.00
C PRO A 81 -0.54 5.15 3.58
N VAL A 82 0.48 5.27 2.74
CA VAL A 82 0.29 5.33 1.29
C VAL A 82 -0.26 3.99 0.81
N ALA A 83 -0.66 3.91 -0.45
CA ALA A 83 -1.49 2.78 -0.92
C ALA A 83 -0.84 1.40 -0.74
N GLY A 84 0.46 1.29 -1.04
CA GLY A 84 1.10 -0.02 -1.07
C GLY A 84 1.18 -0.60 0.32
N LEU A 85 1.40 0.28 1.29
CA LEU A 85 1.69 -0.07 2.65
C LEU A 85 0.39 -0.50 3.37
N SER A 86 -0.72 0.14 3.00
CA SER A 86 -2.03 -0.28 3.47
C SER A 86 -2.43 -1.59 2.80
N ALA A 87 -2.21 -1.66 1.49
CA ALA A 87 -2.45 -2.86 0.76
C ALA A 87 -1.70 -4.04 1.38
N ASN A 88 -0.38 -3.91 1.56
CA ASN A 88 0.41 -5.04 2.08
C ASN A 88 -0.07 -5.48 3.45
N ASN A 89 -0.30 -4.52 4.33
CA ASN A 89 -0.52 -4.82 5.73
C ASN A 89 -1.92 -5.33 6.04
N ILE A 90 -2.92 -4.68 5.48
CA ILE A 90 -4.28 -5.17 5.66
C ILE A 90 -4.48 -6.55 5.05
N PHE A 91 -3.84 -6.77 3.90
CA PHE A 91 -3.71 -8.10 3.29
C PHE A 91 -3.19 -9.16 4.28
N LYS A 92 -2.09 -8.86 4.97
CA LYS A 92 -1.55 -9.75 5.99
C LYS A 92 -2.54 -9.99 7.13
N LEU A 93 -3.18 -8.92 7.59
CA LEU A 93 -4.12 -9.01 8.70
C LEU A 93 -5.28 -9.91 8.37
N MET A 94 -5.73 -9.83 7.11
CA MET A 94 -6.87 -10.59 6.67
C MET A 94 -6.53 -12.06 6.44
N THR A 95 -5.33 -12.33 5.94
CA THR A 95 -4.99 -13.65 5.43
C THR A 95 -4.16 -14.52 6.39
N GLU A 96 -3.63 -13.94 7.45
CA GLU A 96 -2.73 -14.67 8.33
C GLU A 96 -3.41 -15.41 9.48
N LYS A 97 -2.94 -16.64 9.70
CA LYS A 97 -3.29 -17.44 10.84
C LYS A 97 -2.00 -17.82 11.59
N ASP A 98 -1.21 -18.74 11.02
CA ASP A 98 -0.01 -19.27 11.69
C ASP A 98 1.22 -19.32 10.81
N VAL A 99 1.05 -18.98 9.54
CA VAL A 99 2.19 -18.89 8.61
C VAL A 99 2.37 -17.43 8.13
N PRO A 100 3.58 -16.87 8.27
CA PRO A 100 3.76 -15.54 7.67
C PRO A 100 3.31 -15.56 6.21
N ILE A 101 2.60 -14.52 5.80
CA ILE A 101 2.37 -14.26 4.40
C ILE A 101 3.04 -12.94 4.04
N ASP A 102 3.86 -12.98 3.00
CA ASP A 102 4.67 -11.83 2.61
C ASP A 102 4.11 -11.23 1.31
N PRO A 103 3.26 -10.17 1.43
CA PRO A 103 2.61 -9.62 0.21
C PRO A 103 3.66 -9.13 -0.85
N THR A 104 4.92 -9.11 -0.45
CA THR A 104 6.00 -8.59 -1.25
C THR A 104 6.56 -9.64 -2.21
N SER A 105 6.14 -10.89 -2.02
CA SER A 105 6.66 -11.95 -2.85
C SER A 105 5.53 -12.80 -3.36
N ILE A 106 4.35 -12.23 -3.53
CA ILE A 106 3.27 -13.01 -4.08
C ILE A 106 3.33 -13.02 -5.60
N GLU A 107 2.78 -14.08 -6.18
CA GLU A 107 2.77 -14.25 -7.63
C GLU A 107 1.50 -13.64 -8.23
N TYR A 108 1.66 -12.71 -9.17
CA TYR A 108 0.51 -12.02 -9.74
C TYR A 108 0.03 -12.67 -11.03
N LEU A 109 -1.27 -12.49 -11.32
CA LEU A 109 -1.78 -12.76 -12.63
C LEU A 109 -1.55 -11.55 -13.54
N GLU A 110 -0.98 -11.81 -14.72
CA GLU A 110 -0.60 -10.76 -15.66
C GLU A 110 -1.36 -10.90 -16.96
N ASN A 111 -1.92 -12.10 -17.19
CA ASN A 111 -2.60 -12.41 -18.44
C ASN A 111 -3.93 -13.09 -18.22
N THR A 112 -4.50 -12.86 -17.03
CA THR A 112 -5.83 -13.34 -16.72
C THR A 112 -6.81 -12.17 -16.64
N SER A 113 -8.06 -12.40 -17.03
CA SER A 113 -9.08 -11.40 -16.88
C SER A 113 -9.73 -11.54 -15.52
N PHE A 114 -10.00 -10.42 -14.86
CA PHE A 114 -10.51 -10.43 -13.50
C PHE A 114 -11.81 -11.19 -13.40
N ALA A 115 -12.70 -10.97 -14.37
CA ALA A 115 -13.97 -11.70 -14.42
C ALA A 115 -13.73 -13.19 -14.59
N GLU A 116 -12.86 -13.54 -15.53
CA GLU A 116 -12.46 -14.94 -15.72
C GLU A 116 -11.81 -15.52 -14.45
N HIS A 117 -11.18 -14.65 -13.65
CA HIS A 117 -10.56 -15.14 -12.41
C HIS A 117 -11.56 -15.43 -11.30
N VAL A 118 -12.50 -14.52 -11.07
CA VAL A 118 -13.45 -14.66 -9.95
C VAL A 118 -14.51 -15.76 -10.17
N ASN A 119 -14.75 -16.13 -11.42
CA ASN A 119 -15.63 -17.25 -11.74
C ASN A 119 -15.01 -18.58 -11.32
N THR A 120 -13.70 -18.54 -11.12
CA THR A 120 -12.92 -19.68 -10.76
C THR A 120 -12.96 -19.95 -9.23
N LEU A 121 -13.58 -19.03 -8.47
CA LEU A 121 -13.46 -19.01 -6.99
C LEU A 121 -14.61 -19.70 -6.25
N ASP A 122 -14.26 -20.56 -5.30
CA ASP A 122 -15.24 -21.15 -4.42
C ASP A 122 -16.11 -20.07 -3.76
N SER A 123 -17.39 -20.04 -4.13
CA SER A 123 -18.36 -19.11 -3.54
C SER A 123 -18.58 -19.36 -2.06
N HIS A 124 -18.08 -20.47 -1.54
CA HIS A 124 -18.19 -20.79 -0.13
C HIS A 124 -17.05 -20.22 0.71
N LYS A 125 -16.06 -19.63 0.05
CA LYS A 125 -14.92 -19.04 0.74
C LYS A 125 -14.88 -17.54 0.62
N ASN A 126 -14.23 -16.89 1.58
CA ASN A 126 -13.91 -15.48 1.46
C ASN A 126 -12.60 -15.40 0.73
N TYR A 127 -12.50 -14.45 -0.19
CA TYR A 127 -11.21 -14.10 -0.79
C TYR A 127 -10.89 -12.63 -0.62
N VAL A 128 -9.61 -12.31 -0.58
CA VAL A 128 -9.15 -10.94 -0.75
C VAL A 128 -8.22 -10.90 -1.95
N VAL A 129 -8.38 -9.87 -2.78
CA VAL A 129 -7.61 -9.73 -3.99
C VAL A 129 -6.78 -8.49 -3.89
N ILE A 130 -5.51 -8.63 -4.24
CA ILE A 130 -4.52 -7.60 -4.06
C ILE A 130 -4.19 -7.07 -5.46
N VAL A 131 -4.57 -5.83 -5.71
CA VAL A 131 -4.47 -5.28 -7.06
C VAL A 131 -3.33 -4.31 -7.15
N ASN A 132 -2.41 -4.61 -8.02
CA ASN A 132 -1.31 -3.76 -8.33
C ASN A 132 -1.57 -3.15 -9.68
N ASP A 133 -2.14 -1.98 -9.71
CA ASP A 133 -2.55 -1.43 -10.96
C ASP A 133 -1.60 -0.39 -11.49
N GLY A 134 -0.92 -0.75 -12.55
CA GLY A 134 0.15 0.07 -13.13
C GLY A 134 -0.34 1.19 -14.03
N ARG A 135 -1.62 1.11 -14.45
CA ARG A 135 -2.29 2.26 -15.11
C ARG A 135 -2.53 3.41 -14.11
N LEU A 136 -2.99 3.07 -12.92
CA LEU A 136 -3.26 4.07 -11.89
C LEU A 136 -2.03 4.35 -11.02
N GLY A 137 -0.99 3.51 -11.14
CA GLY A 137 0.15 3.59 -10.22
C GLY A 137 -0.30 3.36 -8.79
N HIS A 138 -1.17 2.38 -8.62
CA HIS A 138 -1.97 2.24 -7.43
C HIS A 138 -2.00 0.79 -6.97
N LYS A 139 -2.33 0.60 -5.69
CA LYS A 139 -2.40 -0.74 -5.10
C LYS A 139 -3.48 -0.70 -4.07
N PHE A 140 -4.36 -1.68 -4.11
CA PHE A 140 -5.53 -1.66 -3.25
C PHE A 140 -6.11 -3.07 -3.11
N LEU A 141 -7.09 -3.20 -2.21
CA LEU A 141 -7.67 -4.50 -1.95
C LEU A 141 -9.13 -4.61 -2.39
N ILE A 142 -9.48 -5.78 -2.87
CA ILE A 142 -10.84 -6.12 -3.10
C ILE A 142 -11.17 -7.29 -2.19
N ASP A 143 -12.03 -7.04 -1.21
CA ASP A 143 -12.50 -8.08 -0.28
C ASP A 143 -13.73 -8.75 -0.87
N LEU A 144 -13.66 -10.03 -1.08
CA LEU A 144 -14.76 -10.81 -1.57
C LEU A 144 -15.20 -11.83 -0.57
N PRO A 145 -15.92 -11.42 0.45
CA PRO A 145 -16.44 -12.37 1.40
C PRO A 145 -17.49 -13.30 0.82
N ALA A 146 -17.54 -14.53 1.27
CA ALA A 146 -18.63 -15.42 0.97
C ALA A 146 -19.71 -14.99 1.86
N ARG A 152 -22.37 -12.65 -5.45
CA ARG A 152 -21.02 -12.39 -4.95
C ARG A 152 -20.92 -10.92 -4.61
N THR A 153 -20.20 -10.62 -3.54
CA THR A 153 -20.24 -9.30 -2.99
C THR A 153 -18.81 -8.80 -2.84
N ALA A 154 -18.57 -7.53 -3.23
CA ALA A 154 -17.21 -6.97 -3.26
C ALA A 154 -17.12 -5.62 -2.55
N TYR A 155 -16.04 -5.46 -1.77
CA TYR A 155 -15.70 -4.19 -1.10
C TYR A 155 -14.24 -3.79 -1.39
N ILE A 156 -13.98 -2.49 -1.39
CA ILE A 156 -12.66 -1.98 -1.66
C ILE A 156 -12.03 -1.56 -0.36
N ILE A 157 -10.80 -1.98 -0.13
CA ILE A 157 -9.97 -1.41 0.90
C ILE A 157 -8.74 -0.73 0.24
N GLN A 158 -8.44 0.49 0.67
CA GLN A 158 -7.41 1.27 0.03
C GLN A 158 -7.09 2.53 0.81
N SER A 159 -5.92 3.10 0.47
CA SER A 159 -5.60 4.50 0.68
C SER A 159 -4.77 4.98 -0.51
N ASP A 160 -4.43 6.26 -0.54
CA ASP A 160 -3.76 6.82 -1.68
C ASP A 160 -2.92 8.07 -1.35
N LEU A 161 -1.63 8.02 -1.73
CA LEU A 161 -0.74 9.19 -1.66
C LEU A 161 -1.35 10.40 -2.33
N GLY A 162 -2.05 10.18 -3.46
CA GLY A 162 -2.74 11.25 -4.14
C GLY A 162 -2.09 11.76 -5.43
N GLY A 163 -0.98 11.17 -5.83
CA GLY A 163 -0.20 11.72 -6.94
C GLY A 163 -0.53 11.28 -8.36
N GLY A 164 -1.60 10.52 -8.53
CA GLY A 164 -2.02 10.08 -9.87
C GLY A 164 -3.44 10.51 -10.23
N ALA A 165 -4.23 9.57 -10.73
CA ALA A 165 -5.54 9.91 -11.26
C ALA A 165 -6.55 10.16 -10.13
N LEU A 166 -6.25 9.62 -8.95
CA LEU A 166 -7.18 9.64 -7.81
C LEU A 166 -6.64 10.58 -6.73
N PRO A 167 -7.53 11.33 -6.07
CA PRO A 167 -7.04 12.19 -4.98
C PRO A 167 -6.55 11.36 -3.77
N ALA A 168 -5.75 11.99 -2.91
CA ALA A 168 -5.30 11.37 -1.68
C ALA A 168 -6.51 10.91 -0.83
N VAL A 169 -6.39 9.76 -0.19
CA VAL A 169 -7.39 9.32 0.78
C VAL A 169 -6.74 8.55 1.86
N ARG A 170 -7.10 8.91 3.09
CA ARG A 170 -6.73 8.16 4.28
C ARG A 170 -7.58 6.90 4.38
N VAL A 171 -6.93 5.80 4.75
CA VAL A 171 -7.62 4.53 4.89
C VAL A 171 -8.72 4.61 5.95
N GLU A 172 -8.45 5.32 7.04
CA GLU A 172 -9.47 5.57 8.10
C GLU A 172 -10.74 6.20 7.53
N ASP A 173 -10.55 7.19 6.67
CA ASP A 173 -11.67 7.84 6.04
C ASP A 173 -12.30 6.98 4.97
N TRP A 174 -11.47 6.27 4.18
CA TRP A 174 -12.02 5.37 3.19
C TRP A 174 -12.88 4.30 3.86
N ILE A 175 -12.34 3.63 4.85
CA ILE A 175 -13.11 2.63 5.57
C ILE A 175 -14.44 3.22 6.08
N SER A 176 -14.39 4.45 6.57
CA SER A 176 -15.56 5.04 7.22
C SER A 176 -16.68 5.32 6.24
N ARG A 177 -16.35 5.74 5.03
CA ARG A 177 -17.38 6.09 4.07
C ARG A 177 -17.73 4.95 3.12
N ARG A 178 -16.74 4.12 2.80
CA ARG A 178 -16.76 3.25 1.64
C ARG A 178 -16.54 1.77 2.03
N GLY A 179 -15.87 1.55 3.16
CA GLY A 179 -15.50 0.20 3.60
C GLY A 179 -16.61 -0.87 3.54
N SER A 180 -17.84 -0.47 3.83
CA SER A 180 -18.95 -1.41 3.88
C SER A 180 -19.98 -1.15 2.81
N ASP A 181 -19.53 -0.52 1.72
CA ASP A 181 -20.41 -0.17 0.62
C ASP A 181 -20.02 -0.98 -0.61
N PRO A 182 -20.79 -2.05 -0.87
CA PRO A 182 -20.48 -3.04 -1.91
C PRO A 182 -20.24 -2.42 -3.27
N VAL A 183 -19.32 -3.01 -4.02
CA VAL A 183 -18.96 -2.54 -5.35
C VAL A 183 -19.50 -3.45 -6.45
N SER A 184 -19.94 -2.86 -7.55
CA SER A 184 -20.47 -3.65 -8.65
C SER A 184 -19.38 -4.52 -9.29
N LEU A 185 -19.58 -5.84 -9.27
CA LEU A 185 -18.62 -6.78 -9.87
C LEU A 185 -18.40 -6.47 -11.35
N ASP A 186 -19.48 -6.20 -12.05
CA ASP A 186 -19.42 -5.85 -13.45
C ASP A 186 -18.44 -4.66 -13.64
N GLU A 187 -18.65 -3.60 -12.88
CA GLU A 187 -17.77 -2.44 -12.92
C GLU A 187 -16.32 -2.83 -12.62
N LEU A 188 -16.14 -3.72 -11.65
CA LEU A 188 -14.81 -4.26 -11.35
C LEU A 188 -14.22 -5.02 -12.53
N ASN A 189 -15.03 -5.82 -13.19
CA ASN A 189 -14.58 -6.50 -14.40
C ASN A 189 -14.05 -5.48 -15.41
N GLN A 190 -14.84 -4.44 -15.64
CA GLN A 190 -14.49 -3.40 -16.59
C GLN A 190 -13.23 -2.62 -16.23
N LEU A 191 -13.11 -2.23 -14.95
CA LEU A 191 -11.93 -1.47 -14.48
C LEU A 191 -10.66 -2.28 -14.55
N LEU A 192 -10.77 -3.55 -14.17
CA LEU A 192 -9.61 -4.43 -14.19
C LEU A 192 -9.49 -5.14 -15.54
N SER A 193 -10.04 -4.52 -16.58
CA SER A 193 -9.83 -4.98 -17.96
C SER A 193 -8.46 -4.54 -18.45
N LYS A 194 -7.89 -5.31 -19.38
CA LYS A 194 -6.75 -4.83 -20.14
C LYS A 194 -7.22 -3.72 -21.05
N ASP A 195 -8.48 -3.83 -21.49
CA ASP A 195 -9.09 -2.86 -22.39
C ASP A 195 -9.46 -1.56 -21.68
N PHE A 196 -9.30 -1.51 -20.35
CA PHE A 196 -9.74 -0.34 -19.58
C PHE A 196 -9.05 0.90 -20.09
N SER A 197 -7.79 0.72 -20.45
CA SER A 197 -6.94 1.75 -20.99
C SER A 197 -7.51 2.38 -22.24
N LYS A 198 -8.38 1.63 -22.95
CA LYS A 198 -8.89 2.05 -24.25
C LYS A 198 -10.33 2.55 -24.22
N MET A 199 -10.98 2.41 -23.07
CA MET A 199 -12.35 2.87 -22.92
C MET A 199 -12.43 4.41 -22.98
N PRO A 200 -13.61 4.96 -23.34
CA PRO A 200 -13.76 6.40 -23.47
C PRO A 200 -13.48 7.11 -22.16
N ASP A 201 -13.08 8.38 -22.24
CA ASP A 201 -12.75 9.18 -21.09
C ASP A 201 -13.78 9.06 -20.00
N ASP A 202 -15.03 9.36 -20.33
CA ASP A 202 -16.12 9.40 -19.34
C ASP A 202 -16.42 8.07 -18.70
N VAL A 203 -16.18 6.99 -19.44
CA VAL A 203 -16.30 5.64 -18.88
C VAL A 203 -15.19 5.39 -17.87
N GLN A 204 -13.97 5.80 -18.21
CA GLN A 204 -12.82 5.59 -17.31
C GLN A 204 -13.04 6.36 -16.01
N THR A 205 -13.36 7.64 -16.13
CA THR A 205 -13.56 8.47 -14.95
C THR A 205 -14.75 8.01 -14.08
N ARG A 206 -15.81 7.48 -14.71
CA ARG A 206 -16.97 6.96 -13.95
C ARG A 206 -16.69 5.65 -13.20
N LEU A 207 -15.86 4.77 -13.77
CA LEU A 207 -15.50 3.54 -13.09
C LEU A 207 -14.56 3.87 -11.95
N LEU A 208 -13.60 4.74 -12.22
CA LEU A 208 -12.69 5.19 -11.18
C LEU A 208 -13.43 5.90 -10.05
N ALA A 209 -14.38 6.76 -10.39
CA ALA A 209 -15.22 7.40 -9.38
C ALA A 209 -16.06 6.39 -8.62
N SER A 210 -16.80 5.58 -9.36
CA SER A 210 -17.69 4.62 -8.74
C SER A 210 -16.91 3.75 -7.76
N ILE A 211 -15.81 3.17 -8.23
CA ILE A 211 -15.05 2.19 -7.46
C ILE A 211 -14.12 2.82 -6.41
N LEU A 212 -13.41 3.90 -6.79
CA LEU A 212 -12.17 4.27 -6.10
C LEU A 212 -12.17 5.64 -5.45
N GLN A 213 -13.19 6.45 -5.73
CA GLN A 213 -13.22 7.83 -5.22
C GLN A 213 -14.23 7.97 -4.06
N ILE A 214 -13.75 8.50 -2.93
CA ILE A 214 -14.52 8.50 -1.65
C ILE A 214 -15.93 9.08 -1.76
N ASP A 215 -16.14 9.97 -2.71
CA ASP A 215 -17.42 10.62 -2.86
C ASP A 215 -18.09 10.24 -4.14
N LYS A 216 -17.59 9.15 -4.78
CA LYS A 216 -18.11 8.67 -6.07
C LYS A 216 -18.18 9.78 -7.12
N ASP A 217 -17.26 10.73 -7.01
CA ASP A 217 -17.31 11.91 -7.85
C ASP A 217 -16.34 11.81 -9.03
N PRO A 218 -16.87 11.71 -10.27
CA PRO A 218 -16.09 11.70 -11.51
C PRO A 218 -15.17 12.94 -11.65
N HIS A 219 -15.65 14.10 -11.20
CA HIS A 219 -14.91 15.35 -11.33
C HIS A 219 -13.63 15.42 -10.50
N LYS A 220 -13.42 14.44 -9.64
CA LYS A 220 -12.25 14.45 -8.79
C LYS A 220 -11.24 13.41 -9.30
N VAL A 221 -11.59 12.82 -10.44
CA VAL A 221 -10.70 11.92 -11.14
C VAL A 221 -10.05 12.71 -12.28
N ASP A 222 -8.73 12.52 -12.45
CA ASP A 222 -8.00 13.12 -13.56
C ASP A 222 -7.28 12.06 -14.41
N ILE A 223 -7.90 11.66 -15.52
CA ILE A 223 -7.41 10.55 -16.34
C ILE A 223 -6.15 10.89 -17.19
N LYS A 224 -5.76 12.16 -17.22
CA LYS A 224 -4.52 12.56 -17.88
C LYS A 224 -3.33 11.97 -17.15
N LYS A 225 -3.54 11.54 -15.92
CA LYS A 225 -2.46 10.99 -15.11
C LYS A 225 -2.50 9.48 -15.07
N LEU A 226 -3.38 8.91 -15.87
CA LEU A 226 -3.36 7.48 -16.16
C LEU A 226 -2.15 7.15 -17.04
N HIS A 227 -1.48 6.05 -16.73
CA HIS A 227 -0.44 5.51 -17.60
C HIS A 227 -1.04 4.47 -18.52
N LEU A 228 -1.31 4.87 -19.75
CA LEU A 228 -2.10 4.09 -20.67
C LEU A 228 -1.46 2.74 -21.00
N ASP A 229 -0.15 2.66 -20.81
CA ASP A 229 0.56 1.40 -21.01
C ASP A 229 0.89 0.69 -19.71
N GLY A 230 0.27 1.13 -18.62
CA GLY A 230 0.46 0.47 -17.35
C GLY A 230 -0.05 -0.97 -17.35
N LYS A 231 0.70 -1.84 -16.68
CA LYS A 231 0.26 -3.20 -16.42
C LYS A 231 -0.75 -3.23 -15.29
N LEU A 232 -1.68 -4.17 -15.38
CA LEU A 232 -2.63 -4.42 -14.33
C LEU A 232 -2.38 -5.83 -13.81
N ARG A 233 -1.89 -5.92 -12.57
CA ARG A 233 -1.63 -7.20 -11.93
C ARG A 233 -2.53 -7.42 -10.72
N PHE A 234 -3.04 -8.64 -10.57
CA PHE A 234 -3.81 -9.00 -9.37
C PHE A 234 -3.52 -10.43 -8.91
N ALA A 235 -3.75 -10.67 -7.62
CA ALA A 235 -3.65 -12.01 -7.07
C ALA A 235 -4.67 -12.10 -5.96
N SER A 236 -5.26 -13.28 -5.80
CA SER A 236 -6.27 -13.48 -4.76
C SER A 236 -5.73 -14.40 -3.70
N HIS A 237 -6.39 -14.44 -2.56
CA HIS A 237 -5.99 -15.31 -1.50
C HIS A 237 -7.20 -15.48 -0.62
N GLU A 238 -7.60 -16.72 -0.35
CA GLU A 238 -8.69 -16.96 0.58
C GLU A 238 -8.30 -16.56 1.98
N TYR A 239 -9.30 -16.30 2.82
CA TYR A 239 -9.06 -15.99 4.21
C TYR A 239 -10.21 -16.45 5.09
N ASP A 240 -9.88 -16.83 6.31
CA ASP A 240 -10.88 -17.10 7.32
C ASP A 240 -11.23 -15.78 7.95
N PHE A 241 -12.53 -15.45 7.93
CA PHE A 241 -13.03 -14.26 8.61
C PHE A 241 -12.66 -14.17 10.10
N ARG A 242 -12.74 -15.29 10.81
CA ARG A 242 -12.42 -15.38 12.23
C ARG A 242 -10.96 -15.04 12.50
N GLN A 243 -10.10 -15.37 11.55
CA GLN A 243 -8.67 -15.09 11.64
C GLN A 243 -8.41 -13.60 11.50
N PHE A 244 -9.02 -13.02 10.47
CA PHE A 244 -9.03 -11.61 10.26
C PHE A 244 -9.49 -10.87 11.54
N GLN A 245 -10.65 -11.27 12.08
CA GLN A 245 -11.19 -10.66 13.30
C GLN A 245 -10.17 -10.73 14.41
N ARG A 246 -9.51 -11.88 14.52
CA ARG A 246 -8.54 -12.13 15.57
C ARG A 246 -7.28 -11.27 15.43
N ASN A 247 -6.73 -11.23 14.20
CA ASN A 247 -5.60 -10.36 13.91
C ASN A 247 -5.93 -8.92 14.24
N ALA A 248 -7.15 -8.51 13.91
CA ALA A 248 -7.61 -7.15 14.16
C ALA A 248 -7.84 -6.90 15.66
N GLN A 249 -8.17 -7.97 16.40
CA GLN A 249 -8.33 -7.87 17.85
C GLN A 249 -6.99 -7.68 18.56
N TYR A 250 -5.95 -8.29 18.03
CA TYR A 250 -4.61 -8.11 18.57
C TYR A 250 -4.13 -6.68 18.33
N VAL A 251 -4.19 -6.24 17.09
CA VAL A 251 -3.82 -4.87 16.74
C VAL A 251 -4.61 -3.88 17.62
N ALA A 252 -5.94 -4.05 17.65
CA ALA A 252 -6.83 -3.13 18.34
C ALA A 252 -6.67 -3.16 19.86
N GLY A 253 -6.26 -4.31 20.39
CA GLY A 253 -6.14 -4.47 21.84
C GLY A 253 -4.83 -3.97 22.43
N LEU A 254 -4.00 -3.35 21.61
CA LEU A 254 -2.64 -2.98 22.02
C LEU A 254 -2.63 -1.86 23.03
N GLY A 255 -3.71 -1.10 23.07
CA GLY A 255 -3.83 0.01 24.00
C GLY A 255 -2.70 0.99 23.89
N ALA B 1 30.10 2.72 -13.09
CA ALA B 1 30.76 2.03 -11.95
C ALA B 1 29.79 1.68 -10.80
N ALA B 2 29.63 0.38 -10.55
CA ALA B 2 28.62 -0.10 -9.61
C ALA B 2 28.79 0.49 -8.20
N MET B 3 27.66 0.78 -7.54
CA MET B 3 27.68 1.26 -6.13
C MET B 3 26.46 0.79 -5.31
N LEU B 4 26.70 0.44 -4.06
CA LEU B 4 25.65 -0.02 -3.15
C LEU B 4 25.06 1.11 -2.33
N ILE B 5 23.79 1.39 -2.53
CA ILE B 5 23.11 2.43 -1.79
C ILE B 5 22.14 1.82 -0.80
N LYS B 6 21.84 2.56 0.27
CA LYS B 6 20.86 2.13 1.25
C LYS B 6 19.57 2.90 1.08
N VAL B 7 18.45 2.19 1.13
CA VAL B 7 17.11 2.79 1.17
C VAL B 7 16.48 2.46 2.53
N LYS B 8 16.22 3.49 3.33
CA LYS B 8 15.81 3.29 4.70
C LYS B 8 14.46 3.90 4.95
N THR B 9 13.54 3.12 5.51
CA THR B 9 12.21 3.59 5.76
C THR B 9 12.09 4.14 7.16
N LEU B 10 10.95 4.68 7.47
CA LEU B 10 10.63 5.30 8.73
C LEU B 10 10.60 4.36 9.92
N THR B 11 10.53 3.11 9.64
CA THR B 11 10.55 2.03 10.57
C THR B 11 11.97 1.62 10.87
N GLY B 12 12.91 2.21 10.15
CA GLY B 12 14.30 1.85 10.26
C GLY B 12 14.63 0.63 9.41
N LYS B 13 13.67 0.17 8.65
CA LYS B 13 13.93 -0.95 7.79
C LYS B 13 14.85 -0.55 6.65
N GLU B 14 15.85 -1.38 6.39
CA GLU B 14 16.90 -1.02 5.46
C GLU B 14 16.98 -2.02 4.31
N ILE B 15 17.12 -1.50 3.10
CA ILE B 15 17.45 -2.37 1.97
C ILE B 15 18.64 -1.84 1.18
N GLU B 16 19.40 -2.76 0.60
CA GLU B 16 20.60 -2.39 -0.19
C GLU B 16 20.29 -2.56 -1.66
N ILE B 17 20.56 -1.52 -2.44
CA ILE B 17 20.45 -1.61 -3.86
C ILE B 17 21.77 -1.24 -4.52
N ASP B 18 22.24 -2.16 -5.37
CA ASP B 18 23.47 -2.00 -6.12
C ASP B 18 23.15 -1.27 -7.42
N ILE B 19 23.57 -0.03 -7.52
CA ILE B 19 23.18 0.78 -8.67
C ILE B 19 24.41 1.31 -9.45
N GLU B 20 24.15 2.00 -10.57
CA GLU B 20 25.18 2.80 -11.22
C GLU B 20 24.77 4.28 -11.23
N PRO B 21 25.76 5.19 -11.28
CA PRO B 21 25.49 6.64 -11.26
C PRO B 21 24.55 7.09 -12.36
N THR B 22 24.53 6.37 -13.48
CA THR B 22 23.63 6.71 -14.59
C THR B 22 22.16 6.28 -14.42
N ASP B 23 21.86 5.42 -13.43
CA ASP B 23 20.48 4.90 -13.25
C ASP B 23 19.54 6.03 -12.87
N LYS B 24 18.36 6.03 -13.52
CA LYS B 24 17.36 7.03 -13.28
C LYS B 24 16.68 6.82 -11.94
N VAL B 25 16.05 7.86 -11.42
CA VAL B 25 15.34 7.77 -10.15
C VAL B 25 14.12 6.87 -10.29
N GLU B 26 13.36 7.03 -11.37
CA GLU B 26 12.23 6.14 -11.63
C GLU B 26 12.67 4.70 -11.51
N ARG B 27 13.81 4.38 -12.10
CA ARG B 27 14.37 3.04 -12.06
C ARG B 27 14.64 2.58 -10.63
N ILE B 28 15.25 3.45 -9.83
CA ILE B 28 15.48 3.16 -8.42
C ILE B 28 14.17 2.88 -7.68
N LYS B 29 13.10 3.60 -8.03
CA LYS B 29 11.82 3.38 -7.37
C LYS B 29 11.29 2.01 -7.71
N GLU B 30 11.42 1.62 -8.98
CA GLU B 30 10.91 0.34 -9.44
C GLU B 30 11.58 -0.82 -8.70
N ARG B 31 12.84 -0.63 -8.32
CA ARG B 31 13.57 -1.71 -7.70
C ARG B 31 13.33 -1.73 -6.20
N VAL B 32 13.02 -0.57 -5.63
CA VAL B 32 12.40 -0.49 -4.30
C VAL B 32 11.07 -1.25 -4.31
N GLU B 33 10.30 -1.09 -5.38
CA GLU B 33 9.01 -1.76 -5.52
C GLU B 33 9.16 -3.29 -5.58
N GLU B 34 10.17 -3.77 -6.33
CA GLU B 34 10.56 -5.19 -6.32
C GLU B 34 10.65 -5.68 -4.88
N LYS B 35 11.18 -4.84 -4.02
CA LYS B 35 11.55 -5.27 -2.70
C LYS B 35 10.44 -5.00 -1.64
N GLU B 36 9.76 -3.87 -1.77
CA GLU B 36 8.90 -3.38 -0.69
C GLU B 36 7.43 -3.43 -1.03
N GLY B 37 7.11 -3.56 -2.31
CA GLY B 37 5.73 -3.67 -2.74
C GLY B 37 5.00 -2.35 -2.77
N ILE B 38 5.73 -1.27 -3.04
CA ILE B 38 5.15 0.05 -3.16
C ILE B 38 5.26 0.58 -4.59
N PRO B 39 4.12 0.95 -5.19
CA PRO B 39 4.16 1.45 -6.58
C PRO B 39 4.97 2.71 -6.60
N PRO B 40 5.77 2.92 -7.66
CA PRO B 40 6.64 4.07 -7.59
C PRO B 40 5.92 5.39 -7.25
N GLN B 41 4.68 5.54 -7.69
CA GLN B 41 3.95 6.82 -7.51
C GLN B 41 3.45 6.99 -6.08
N GLN B 42 3.54 5.90 -5.35
CA GLN B 42 3.06 5.80 -4.01
C GLN B 42 4.26 5.94 -3.02
N GLN B 43 5.48 6.05 -3.60
CA GLN B 43 6.71 6.24 -2.82
C GLN B 43 7.07 7.71 -2.70
N ARG B 44 7.52 8.10 -1.51
CA ARG B 44 8.13 9.40 -1.29
C ARG B 44 9.62 9.13 -1.05
N LEU B 45 10.40 9.22 -2.11
CA LEU B 45 11.79 8.80 -2.08
C LEU B 45 12.69 10.04 -1.91
N ILE B 46 13.47 10.05 -0.85
CA ILE B 46 14.07 11.29 -0.35
C ILE B 46 15.58 11.19 -0.12
N TYR B 47 16.30 12.14 -0.69
CA TYR B 47 17.75 12.24 -0.47
C TYR B 47 18.15 13.70 -0.27
N SER B 48 19.06 13.94 0.69
CA SER B 48 19.46 15.31 1.10
C SER B 48 18.27 16.21 1.41
N GLY B 49 17.19 15.64 1.98
CA GLY B 49 16.04 16.44 2.39
C GLY B 49 14.94 16.70 1.36
N LYS B 50 15.19 16.36 0.09
CA LYS B 50 14.15 16.56 -0.96
C LYS B 50 13.81 15.31 -1.77
N GLN B 51 12.60 15.31 -2.33
CA GLN B 51 12.20 14.29 -3.28
C GLN B 51 12.99 14.36 -4.57
N MET B 52 13.02 13.25 -5.30
CA MET B 52 13.89 13.13 -6.45
C MET B 52 13.16 13.16 -7.77
N ASN B 53 13.74 13.84 -8.75
CA ASN B 53 13.19 13.87 -10.11
C ASN B 53 13.29 12.51 -10.80
N ASP B 54 12.14 11.97 -11.20
CA ASP B 54 12.06 10.68 -11.89
C ASP B 54 12.99 10.54 -13.09
N GLU B 55 13.21 11.63 -13.83
CA GLU B 55 14.04 11.57 -15.04
C GLU B 55 15.50 11.81 -14.76
N LYS B 56 15.80 12.26 -13.55
CA LYS B 56 17.18 12.50 -13.17
C LYS B 56 17.88 11.23 -12.66
N THR B 57 19.21 11.23 -12.69
CA THR B 57 19.96 10.04 -12.35
C THR B 57 20.47 10.13 -10.92
N ALA B 58 21.04 9.03 -10.42
CA ALA B 58 21.66 9.04 -9.10
C ALA B 58 22.88 10.00 -9.03
N ALA B 59 23.62 10.11 -10.13
CA ALA B 59 24.78 11.00 -10.18
C ALA B 59 24.36 12.46 -10.06
N ASP B 60 23.15 12.75 -10.55
CA ASP B 60 22.54 14.07 -10.48
C ASP B 60 22.35 14.55 -9.05
N TYR B 61 22.17 13.60 -8.14
CA TYR B 61 22.01 13.91 -6.73
C TYR B 61 23.25 13.55 -5.91
N LYS B 62 24.38 13.37 -6.60
CA LYS B 62 25.67 13.11 -5.95
C LYS B 62 25.62 11.93 -4.97
N ILE B 63 24.76 10.97 -5.30
CA ILE B 63 24.64 9.76 -4.51
C ILE B 63 25.90 8.91 -4.68
N LEU B 64 26.34 8.28 -3.60
CA LEU B 64 27.51 7.42 -3.68
C LEU B 64 27.22 6.12 -2.98
N GLY B 65 28.14 5.18 -3.12
CA GLY B 65 28.12 3.98 -2.31
C GLY B 65 28.00 4.37 -0.86
N GLY B 66 27.03 3.76 -0.16
CA GLY B 66 26.76 4.09 1.23
C GLY B 66 25.75 5.21 1.46
N SER B 67 25.41 5.96 0.40
CA SER B 67 24.38 7.00 0.56
C SER B 67 23.05 6.35 0.98
N VAL B 68 22.36 7.01 1.92
CA VAL B 68 21.06 6.54 2.40
C VAL B 68 19.90 7.37 1.78
N LEU B 69 19.06 6.73 0.98
CA LEU B 69 17.82 7.36 0.53
C LEU B 69 16.71 7.01 1.51
N HIS B 70 15.85 7.97 1.82
CA HIS B 70 14.80 7.75 2.82
C HIS B 70 13.46 7.48 2.15
N LEU B 71 12.91 6.30 2.43
CA LEU B 71 11.62 5.93 1.87
C LEU B 71 10.53 6.18 2.89
N VAL B 72 9.79 7.27 2.72
CA VAL B 72 8.68 7.58 3.60
C VAL B 72 7.34 7.07 3.02
N LEU B 73 6.70 6.18 3.76
CA LEU B 73 5.44 5.57 3.30
C LEU B 73 4.21 6.14 4.01
N ALA B 74 4.26 7.41 4.38
CA ALA B 74 3.15 8.05 5.09
C ALA B 74 2.60 9.25 4.34
N LEU B 75 1.32 9.54 4.56
CA LEU B 75 0.70 10.80 4.08
C LEU B 75 1.10 12.04 4.94
S SO4 C . -14.90 -18.03 8.45
O1 SO4 C . -14.54 -17.28 9.65
O2 SO4 C . -16.33 -17.91 8.19
O3 SO4 C . -14.20 -17.48 7.27
O4 SO4 C . -14.54 -19.42 8.64
C1 GOL D . 12.18 -1.51 11.50
O1 GOL D . 13.55 -1.84 11.67
C2 GOL D . 11.32 -2.02 12.68
O2 GOL D . 10.68 -3.19 12.25
C3 GOL D . 10.21 -1.04 13.06
O3 GOL D . 10.71 0.27 13.33
#